data_4RC3
#
_entry.id   4RC3
#
_cell.length_a   97.867
_cell.length_b   97.867
_cell.length_c   80.832
_cell.angle_alpha   90.00
_cell.angle_beta   90.00
_cell.angle_gamma   120.00
#
_symmetry.space_group_name_H-M   'P 65'
#
loop_
_entity.id
_entity.type
_entity.pdbx_description
1 polymer 'Serine/threonine-protein kinase pim-1'
2 non-polymer 1,4-dihydroxy-5,8-bis{[2-(2-hydroxyethoxy)ethyl]amino}anthracene-9,10-dione
#
_entity_poly.entity_id   1
_entity_poly.type   'polypeptide(L)'
_entity_poly.pdbx_seq_one_letter_code
;GPHMKEKEPLESQYQVGPLLGSGGFGSVYSGIRVSDNLPVAIKHVEKDRISDWGELPNGTRVPMEVVLLKKVSSGFSGVI
RLLDWFERPDSFVLILERPEPVQDLFDFITERGALQEELARSFFWQVLEAVRHCHNCGVLHRDIKDENILIDLNRGELKL
IDFGSGALLKDTVYTDFDGTRVYSPPEWIRYHRYHGRSAAVWSLGILLYDMVCGDIPFEHDEEIIRGQVFFRQRVS
(SEP)ECQHLIRWCLALRPSDRPTFEEIQNHPWMQDVLLPQETAEIHLHSLSPGPSK
;
_entity_poly.pdbx_strand_id   A
#
loop_
_chem_comp.id
_chem_comp.type
_chem_comp.name
_chem_comp.formula
3OA non-polymer 1,4-dihydroxy-5,8-bis{[2-(2-hydroxyethoxy)ethyl]amino}anthracene-9,10-dione 'C22 H26 N2 O8'
#
# COMPACT_ATOMS: atom_id res chain seq x y z
N PRO A 9 1.88 -24.98 18.19
CA PRO A 9 3.27 -24.50 18.03
C PRO A 9 3.39 -22.98 17.82
N LEU A 10 2.28 -22.26 17.79
CA LEU A 10 2.35 -20.82 17.55
C LEU A 10 2.77 -20.08 18.84
N GLU A 11 2.15 -20.40 19.97
CA GLU A 11 2.48 -19.76 21.26
C GLU A 11 3.92 -19.99 21.70
N SER A 12 4.54 -21.07 21.23
CA SER A 12 5.94 -21.44 21.57
C SER A 12 6.98 -20.77 20.67
N GLN A 13 6.71 -20.71 19.38
CA GLN A 13 7.72 -20.31 18.40
C GLN A 13 7.89 -18.77 18.25
N TYR A 14 6.93 -18.01 18.77
CA TYR A 14 7.04 -16.55 18.81
C TYR A 14 6.81 -16.00 20.19
N GLN A 15 7.60 -15.02 20.56
CA GLN A 15 7.29 -14.23 21.73
C GLN A 15 6.52 -12.95 21.42
N VAL A 16 5.32 -12.79 21.97
CA VAL A 16 4.54 -11.60 21.72
C VAL A 16 5.05 -10.43 22.49
N GLY A 17 4.82 -9.24 21.91
CA GLY A 17 5.16 -7.96 22.51
C GLY A 17 3.97 -7.00 22.41
N PRO A 18 4.29 -5.70 22.37
CA PRO A 18 3.21 -4.72 22.43
C PRO A 18 2.33 -4.75 21.19
N LEU A 19 1.12 -4.30 21.34
CA LEU A 19 0.23 -4.06 20.20
C LEU A 19 0.74 -2.96 19.32
N LEU A 20 0.95 -3.25 18.02
CA LEU A 20 1.32 -2.22 17.05
C LEU A 20 0.15 -1.42 16.52
N GLY A 21 -0.94 -2.07 16.14
CA GLY A 21 -2.15 -1.34 15.73
C GLY A 21 -3.38 -2.22 15.69
N SER A 22 -4.54 -1.61 15.45
CA SER A 22 -5.72 -2.35 15.14
C SER A 22 -6.67 -1.50 14.33
N GLY A 23 -7.71 -2.14 13.75
CA GLY A 23 -8.68 -1.44 12.87
C GLY A 23 -9.52 -2.39 12.09
N PHE A 25 -9.10 -4.60 9.50
CA PHE A 25 -7.96 -5.53 9.31
C PHE A 25 -7.45 -6.39 10.53
N GLY A 26 -7.97 -6.17 11.75
CA GLY A 26 -7.57 -6.98 12.95
C GLY A 26 -6.56 -6.32 13.89
N SER A 27 -5.69 -7.12 14.54
CA SER A 27 -4.82 -6.58 15.60
C SER A 27 -3.46 -7.06 15.33
N VAL A 28 -2.47 -6.17 15.35
CA VAL A 28 -1.15 -6.58 14.95
C VAL A 28 -0.23 -6.32 16.09
N TYR A 29 0.58 -7.30 16.48
CA TYR A 29 1.50 -7.16 17.59
C TYR A 29 2.92 -7.31 17.15
N SER A 30 3.80 -6.72 17.96
CA SER A 30 5.20 -6.87 17.79
C SER A 30 5.54 -8.14 18.40
N GLY A 31 6.53 -8.78 17.80
CA GLY A 31 6.87 -10.16 18.14
C GLY A 31 8.30 -10.52 17.75
N ILE A 32 8.78 -11.63 18.31
CA ILE A 32 10.14 -12.07 18.04
C ILE A 32 10.09 -13.54 17.72
N ARG A 33 10.82 -13.96 16.71
CA ARG A 33 10.87 -15.40 16.45
C ARG A 33 11.89 -15.95 17.42
N VAL A 34 11.44 -16.85 18.30
CA VAL A 34 12.31 -17.38 19.37
C VAL A 34 13.41 -18.20 18.67
N SER A 35 12.99 -19.14 17.81
CA SER A 35 13.87 -19.77 16.82
C SER A 35 15.18 -18.97 16.60
N ASP A 36 15.14 -17.64 16.39
CA ASP A 36 16.38 -16.89 16.07
C ASP A 36 16.37 -15.37 16.25
N ASN A 37 15.54 -14.84 17.15
CA ASN A 37 15.40 -13.36 17.36
C ASN A 37 14.97 -12.48 16.16
N LEU A 38 14.37 -13.09 15.16
CA LEU A 38 13.90 -12.32 14.02
C LEU A 38 12.75 -11.45 14.47
N PRO A 39 12.88 -10.16 14.31
CA PRO A 39 11.69 -9.38 14.57
C PRO A 39 10.54 -9.74 13.59
N VAL A 40 9.31 -9.79 14.11
CA VAL A 40 8.11 -10.09 13.32
C VAL A 40 6.91 -9.27 13.78
N ALA A 41 5.87 -9.27 12.97
CA ALA A 41 4.62 -8.62 13.30
C ALA A 41 3.68 -9.76 13.24
N ILE A 42 2.79 -9.80 14.21
CA ILE A 42 1.86 -10.89 14.37
C ILE A 42 0.48 -10.35 14.31
N LYS A 43 -0.30 -10.87 13.37
CA LYS A 43 -1.53 -10.28 13.00
C LYS A 43 -2.66 -11.24 13.12
N HIS A 44 -3.67 -10.86 13.86
CA HIS A 44 -4.75 -11.74 14.15
C HIS A 44 -5.93 -11.24 13.45
N VAL A 45 -6.63 -12.16 12.79
CA VAL A 45 -7.86 -11.81 12.06
C VAL A 45 -8.94 -12.78 12.47
N GLU A 46 -10.08 -12.25 12.87
CA GLU A 46 -11.16 -13.10 13.31
C GLU A 46 -11.89 -13.61 12.09
N LYS A 47 -12.14 -14.92 12.05
CA LYS A 47 -12.93 -15.56 10.95
C LYS A 47 -14.22 -14.88 10.57
N ASP A 48 -14.94 -14.43 11.58
CA ASP A 48 -16.28 -13.86 11.46
C ASP A 48 -16.24 -12.62 10.62
N ARG A 49 -15.12 -11.92 10.63
CA ARG A 49 -15.03 -10.65 9.95
C ARG A 49 -14.37 -10.79 8.58
N ILE A 50 -13.91 -11.98 8.20
CA ILE A 50 -13.40 -12.19 6.83
C ILE A 50 -14.55 -12.37 5.80
N SER A 51 -14.63 -11.47 4.82
CA SER A 51 -15.70 -11.46 3.82
C SER A 51 -15.36 -12.26 2.58
N ASP A 52 -14.08 -12.60 2.45
CA ASP A 52 -13.43 -12.88 1.18
C ASP A 52 -12.35 -13.96 1.31
N TRP A 53 -12.59 -15.11 0.71
CA TRP A 53 -11.76 -16.29 0.87
C TRP A 53 -11.29 -16.84 -0.48
N GLY A 54 -10.20 -17.60 -0.44
CA GLY A 54 -9.65 -18.27 -1.61
C GLY A 54 -9.00 -19.56 -1.16
N GLU A 55 -8.20 -20.17 -2.02
CA GLU A 55 -7.59 -21.45 -1.71
C GLU A 55 -6.14 -21.42 -2.11
N LEU A 56 -5.26 -22.08 -1.37
CA LEU A 56 -3.82 -22.10 -1.70
C LEU A 56 -3.61 -23.15 -2.80
N PRO A 57 -2.51 -23.05 -3.58
CA PRO A 57 -2.40 -24.09 -4.59
C PRO A 57 -2.66 -25.48 -3.96
N ASN A 58 -1.93 -25.83 -2.90
CA ASN A 58 -2.13 -27.15 -2.24
C ASN A 58 -3.54 -27.38 -1.64
N GLY A 59 -4.31 -26.33 -1.44
CA GLY A 59 -5.75 -26.51 -1.45
C GLY A 59 -6.67 -26.27 -0.27
N THR A 60 -6.21 -25.75 0.87
CA THR A 60 -7.20 -25.45 1.93
C THR A 60 -7.82 -24.06 1.77
N ARG A 61 -8.91 -23.88 2.50
CA ARG A 61 -9.72 -22.67 2.43
C ARG A 61 -9.10 -21.56 3.30
N VAL A 62 -8.50 -20.55 2.70
CA VAL A 62 -7.89 -19.50 3.51
C VAL A 62 -8.48 -18.11 3.20
N PRO A 63 -8.12 -17.11 4.03
CA PRO A 63 -8.47 -15.75 3.71
C PRO A 63 -7.67 -15.27 2.50
N MET A 64 -8.34 -14.60 1.59
CA MET A 64 -7.70 -14.06 0.40
C MET A 64 -6.36 -13.40 0.76
N GLU A 65 -6.27 -12.74 1.89
CA GLU A 65 -5.02 -12.03 2.23
C GLU A 65 -3.78 -12.95 2.18
N VAL A 66 -3.99 -14.19 2.60
CA VAL A 66 -2.94 -15.18 2.61
C VAL A 66 -2.62 -15.66 1.21
N VAL A 67 -3.64 -15.90 0.42
CA VAL A 67 -3.39 -16.21 -1.01
C VAL A 67 -2.52 -15.10 -1.61
N LEU A 68 -2.97 -13.85 -1.47
CA LEU A 68 -2.28 -12.69 -2.04
C LEU A 68 -0.91 -12.58 -1.49
N LEU A 69 -0.76 -12.67 -0.16
CA LEU A 69 0.58 -12.48 0.42
C LEU A 69 1.50 -13.52 -0.06
N LYS A 70 1.01 -14.75 -0.17
CA LYS A 70 1.87 -15.86 -0.63
C LYS A 70 2.25 -15.67 -2.05
N LYS A 71 1.34 -15.14 -2.86
CA LYS A 71 1.76 -14.89 -4.24
C LYS A 71 2.83 -13.77 -4.35
N VAL A 72 2.85 -12.81 -3.44
CA VAL A 72 3.85 -11.73 -3.58
C VAL A 72 5.05 -11.80 -2.65
N SER A 73 5.10 -12.79 -1.75
CA SER A 73 6.17 -12.82 -0.70
C SER A 73 7.42 -13.54 -1.16
N SER A 74 7.36 -14.08 -2.37
CA SER A 74 8.52 -14.72 -3.00
C SER A 74 9.50 -13.72 -3.46
N GLY A 75 10.74 -13.89 -3.07
CA GLY A 75 11.80 -12.94 -3.39
C GLY A 75 11.67 -11.63 -2.63
N PHE A 76 12.58 -10.73 -2.96
CA PHE A 76 12.60 -9.40 -2.35
C PHE A 76 11.61 -8.46 -3.07
N SER A 77 11.17 -7.45 -2.37
CA SER A 77 10.49 -6.33 -3.00
C SER A 77 10.02 -5.43 -1.85
N GLY A 78 9.24 -4.42 -2.22
CA GLY A 78 8.69 -3.44 -1.33
C GLY A 78 7.36 -3.94 -0.77
N VAL A 79 7.22 -5.23 -0.55
CA VAL A 79 6.07 -5.75 0.17
C VAL A 79 6.52 -6.45 1.46
N ILE A 80 5.90 -6.12 2.58
CA ILE A 80 6.10 -6.91 3.77
C ILE A 80 5.63 -8.35 3.51
N ARG A 81 6.57 -9.24 3.73
CA ARG A 81 6.51 -10.65 3.42
C ARG A 81 5.78 -11.41 4.50
N LEU A 82 5.01 -12.41 4.08
CA LEU A 82 4.38 -13.36 4.99
C LEU A 82 5.38 -14.41 5.32
N LEU A 83 5.72 -14.63 6.57
CA LEU A 83 6.67 -15.67 6.94
C LEU A 83 5.98 -16.98 7.26
N ASP A 84 4.77 -16.93 7.80
CA ASP A 84 4.10 -18.16 8.26
C ASP A 84 2.70 -17.75 8.63
N TRP A 85 1.79 -18.71 8.71
CA TRP A 85 0.46 -18.41 9.15
C TRP A 85 -0.06 -19.59 9.93
N PHE A 86 -1.18 -19.38 10.63
CA PHE A 86 -1.77 -20.36 11.53
C PHE A 86 -3.24 -20.16 11.57
N GLU A 87 -3.95 -21.27 11.57
CA GLU A 87 -5.38 -21.26 11.81
C GLU A 87 -5.64 -21.49 13.26
N ARG A 88 -6.68 -20.84 13.77
CA ARG A 88 -7.18 -21.13 15.07
C ARG A 88 -8.64 -21.29 14.91
N PRO A 89 -9.32 -21.64 16.01
CA PRO A 89 -10.72 -21.93 15.79
C PRO A 89 -11.49 -20.68 15.40
N ASP A 90 -11.23 -19.51 15.99
CA ASP A 90 -12.01 -18.32 15.54
C ASP A 90 -11.23 -17.23 14.83
N SER A 91 -9.98 -17.52 14.56
CA SER A 91 -9.16 -16.51 13.97
C SER A 91 -8.03 -17.10 13.10
N PHE A 92 -7.52 -16.29 12.18
CA PHE A 92 -6.23 -16.64 11.57
C PHE A 92 -5.16 -15.70 12.04
N VAL A 93 -3.95 -16.20 12.05
CA VAL A 93 -2.85 -15.50 12.56
C VAL A 93 -1.76 -15.53 11.53
N LEU A 94 -1.23 -14.38 11.19
CA LEU A 94 -0.18 -14.22 10.16
C LEU A 94 1.04 -13.71 10.78
N ILE A 95 2.15 -14.24 10.33
CA ILE A 95 3.43 -13.80 10.86
C ILE A 95 4.09 -13.06 9.71
N LEU A 96 4.50 -11.82 9.95
CA LEU A 96 5.01 -10.98 8.90
C LEU A 96 6.39 -10.47 9.26
N GLU A 97 7.15 -10.11 8.23
CA GLU A 97 8.38 -9.34 8.50
C GLU A 97 8.06 -8.14 9.33
N ARG A 98 9.06 -7.70 10.09
CA ARG A 98 8.99 -6.41 10.75
C ARG A 98 10.33 -5.68 10.71
N PRO A 99 10.45 -4.69 9.84
CA PRO A 99 11.68 -3.90 9.87
C PRO A 99 11.73 -3.08 11.12
N GLU A 100 12.91 -2.60 11.42
CA GLU A 100 13.20 -2.11 12.75
C GLU A 100 14.30 -1.07 12.66
N PRO A 101 14.04 0.19 12.95
CA PRO A 101 12.81 0.92 13.19
C PRO A 101 12.08 1.35 11.89
N VAL A 102 10.81 1.66 12.11
CA VAL A 102 9.82 1.76 11.11
C VAL A 102 8.80 2.78 11.56
N GLN A 103 8.24 3.51 10.60
CA GLN A 103 7.16 4.40 10.87
C GLN A 103 6.29 4.36 9.62
N ASP A 104 4.98 4.32 9.79
CA ASP A 104 4.09 4.37 8.67
C ASP A 104 4.06 5.74 8.11
N LEU A 105 3.78 5.81 6.80
CA LEU A 105 3.86 7.08 6.07
C LEU A 105 2.85 8.15 6.48
N PHE A 106 1.70 7.71 6.97
CA PHE A 106 0.64 8.62 7.45
C PHE A 106 1.11 9.37 8.66
N ASP A 107 1.84 8.68 9.52
CA ASP A 107 2.30 9.30 10.75
C ASP A 107 3.52 10.09 10.43
N PHE A 108 4.37 9.58 9.56
CA PHE A 108 5.48 10.40 9.03
C PHE A 108 4.96 11.71 8.44
N ILE A 109 3.84 11.70 7.73
CA ILE A 109 3.48 12.92 7.05
C ILE A 109 2.79 13.84 8.03
N THR A 110 1.95 13.26 8.87
CA THR A 110 1.41 13.95 10.02
C THR A 110 2.48 14.65 10.85
N GLU A 111 3.55 13.98 11.20
CA GLU A 111 4.62 14.62 11.98
C GLU A 111 5.36 15.69 11.20
N ARG A 112 5.81 15.38 9.98
CA ARG A 112 6.61 16.33 9.22
C ARG A 112 5.94 17.23 8.20
N GLY A 113 4.64 17.08 7.97
CA GLY A 113 3.93 17.87 6.95
C GLY A 113 4.31 17.44 5.54
N ALA A 114 3.97 18.28 4.56
CA ALA A 114 4.33 18.02 3.18
C ALA A 114 5.79 17.64 3.01
N LEU A 115 6.07 16.64 2.17
CA LEU A 115 7.43 16.16 1.92
C LEU A 115 8.05 17.00 0.85
N GLN A 116 9.33 17.30 0.98
CA GLN A 116 10.09 17.85 -0.14
C GLN A 116 9.99 16.90 -1.34
N GLU A 117 10.10 17.45 -2.54
CA GLU A 117 9.84 16.71 -3.79
C GLU A 117 10.80 15.57 -3.98
N GLU A 118 12.05 15.85 -3.65
CA GLU A 118 13.10 14.90 -3.76
C GLU A 118 12.77 13.69 -2.86
N LEU A 119 12.32 13.92 -1.66
CA LEU A 119 11.86 12.78 -0.85
C LEU A 119 10.57 12.12 -1.39
N ALA A 120 9.58 12.92 -1.77
CA ALA A 120 8.36 12.33 -2.35
C ALA A 120 8.70 11.49 -3.58
N ARG A 121 9.66 11.94 -4.38
CA ARG A 121 10.01 11.27 -5.64
C ARG A 121 10.59 9.91 -5.31
N SER A 122 11.45 9.91 -4.29
CA SER A 122 12.05 8.65 -3.91
C SER A 122 11.00 7.71 -3.36
N PHE A 123 10.17 8.22 -2.48
CA PHE A 123 9.12 7.35 -1.90
C PHE A 123 8.15 6.84 -2.94
N PHE A 124 7.67 7.77 -3.79
CA PHE A 124 6.65 7.42 -4.76
C PHE A 124 7.20 6.38 -5.76
N TRP A 125 8.47 6.50 -6.08
CA TRP A 125 9.13 5.59 -6.97
C TRP A 125 9.11 4.21 -6.37
N GLN A 126 9.53 4.07 -5.12
CA GLN A 126 9.46 2.75 -4.46
C GLN A 126 8.03 2.27 -4.31
N VAL A 127 7.07 3.14 -4.22
CA VAL A 127 5.71 2.61 -4.26
C VAL A 127 5.38 2.00 -5.62
N LEU A 128 5.76 2.67 -6.67
CA LEU A 128 5.45 2.20 -7.99
C LEU A 128 6.14 0.85 -8.16
N GLU A 129 7.40 0.78 -7.78
CA GLU A 129 8.15 -0.52 -7.93
C GLU A 129 7.41 -1.63 -7.17
N ALA A 130 6.88 -1.31 -5.99
CA ALA A 130 6.17 -2.36 -5.23
C ALA A 130 4.86 -2.79 -5.84
N VAL A 131 4.11 -1.83 -6.36
CA VAL A 131 2.89 -2.13 -7.00
C VAL A 131 3.07 -2.82 -8.34
N ARG A 132 4.16 -2.54 -9.05
CA ARG A 132 4.45 -3.27 -10.30
C ARG A 132 4.73 -4.70 -9.92
N HIS A 133 5.47 -4.83 -8.86
CA HIS A 133 5.77 -6.16 -8.38
C HIS A 133 4.51 -6.93 -8.04
N CYS A 134 3.56 -6.28 -7.38
CA CYS A 134 2.33 -7.05 -7.09
C CYS A 134 1.58 -7.39 -8.39
N HIS A 135 1.46 -6.42 -9.30
CA HIS A 135 0.63 -6.58 -10.50
C HIS A 135 1.29 -7.75 -11.25
N ASN A 136 2.59 -7.78 -11.26
CA ASN A 136 3.34 -8.90 -11.79
C ASN A 136 3.11 -10.28 -11.22
N CYS A 137 2.93 -10.35 -9.92
CA CYS A 137 2.69 -11.60 -9.25
C CYS A 137 1.23 -12.01 -9.35
N GLY A 138 0.44 -11.26 -10.12
CA GLY A 138 -1.00 -11.50 -10.26
C GLY A 138 -1.90 -10.87 -9.19
N VAL A 139 -1.35 -9.96 -8.37
CA VAL A 139 -2.08 -9.34 -7.25
C VAL A 139 -2.35 -7.86 -7.35
N LEU A 140 -3.58 -7.53 -7.11
CA LEU A 140 -4.05 -6.16 -7.02
C LEU A 140 -4.38 -5.77 -5.58
N HIS A 141 -3.71 -4.73 -5.09
CA HIS A 141 -3.80 -4.34 -3.65
C HIS A 141 -5.14 -3.67 -3.32
N ARG A 142 -5.56 -2.71 -4.14
CA ARG A 142 -6.84 -2.03 -3.96
C ARG A 142 -7.03 -1.09 -2.76
N ASP A 143 -5.98 -0.86 -2.02
CA ASP A 143 -6.02 0.06 -0.88
C ASP A 143 -4.69 0.77 -0.64
N ILE A 144 -4.04 1.15 -1.72
CA ILE A 144 -2.81 1.85 -1.68
C ILE A 144 -3.07 3.20 -1.04
N LYS A 145 -2.36 3.54 0.03
CA LYS A 145 -2.53 4.86 0.71
C LYS A 145 -1.48 4.94 1.80
N ASP A 146 -1.32 6.11 2.41
CA ASP A 146 -0.16 6.40 3.26
C ASP A 146 -0.12 5.47 4.46
N GLU A 147 -1.26 5.07 5.01
CA GLU A 147 -1.24 4.15 6.17
C GLU A 147 -1.00 2.68 5.85
N ASN A 148 -0.92 2.36 4.55
CA ASN A 148 -0.57 1.01 4.14
C ASN A 148 0.81 0.89 3.70
N ILE A 149 1.58 1.91 4.02
CA ILE A 149 2.98 1.96 3.60
C ILE A 149 3.87 2.18 4.83
N LEU A 150 4.92 1.40 4.96
CA LEU A 150 5.85 1.56 6.05
C LEU A 150 7.16 2.02 5.56
N ILE A 151 7.82 2.80 6.41
CA ILE A 151 9.15 3.26 6.17
C ILE A 151 10.14 2.58 7.12
N ASP A 152 11.11 1.93 6.55
CA ASP A 152 12.24 1.50 7.32
C ASP A 152 13.15 2.71 7.35
N LEU A 153 13.18 3.35 8.50
CA LEU A 153 13.83 4.61 8.68
C LEU A 153 15.37 4.58 8.51
N ASN A 154 15.97 3.45 8.74
CA ASN A 154 17.38 3.32 8.54
C ASN A 154 17.79 3.08 7.15
N ARG A 155 17.05 2.22 6.44
CA ARG A 155 17.45 1.90 5.03
C ARG A 155 16.76 2.80 3.98
N GLY A 156 15.70 3.47 4.41
CA GLY A 156 14.95 4.34 3.49
C GLY A 156 14.11 3.56 2.49
N GLU A 157 13.63 2.39 2.90
CA GLU A 157 12.92 1.47 2.03
C GLU A 157 11.49 1.46 2.48
N LEU A 158 10.58 1.48 1.50
CA LEU A 158 9.17 1.51 1.75
C LEU A 158 8.67 0.13 1.60
N LYS A 159 7.59 -0.22 2.30
CA LYS A 159 7.07 -1.53 2.25
C LYS A 159 5.59 -1.44 2.29
N LEU A 160 4.90 -2.16 1.44
CA LEU A 160 3.46 -2.08 1.39
C LEU A 160 2.87 -3.00 2.38
N ILE A 161 1.75 -2.70 3.02
CA ILE A 161 1.20 -3.69 3.94
C ILE A 161 -0.18 -4.29 3.91
N ASP A 162 -1.26 -3.61 3.73
CA ASP A 162 -2.46 -4.42 4.20
C ASP A 162 -3.17 -4.99 2.96
N PHE A 163 -3.05 -6.31 2.73
CA PHE A 163 -3.66 -6.94 1.55
C PHE A 163 -5.10 -7.37 1.71
N GLY A 164 -5.71 -6.95 2.80
CA GLY A 164 -7.05 -7.44 3.17
C GLY A 164 -8.20 -7.06 2.30
N SER A 165 -7.98 -6.10 1.40
CA SER A 165 -9.02 -5.67 0.47
C SER A 165 -8.56 -6.00 -0.94
N GLY A 166 -7.49 -6.79 -1.04
CA GLY A 166 -6.89 -7.05 -2.33
C GLY A 166 -7.68 -7.99 -3.21
N ALA A 167 -7.22 -8.22 -4.45
CA ALA A 167 -7.75 -9.29 -5.27
C ALA A 167 -6.78 -9.77 -6.28
N LEU A 168 -7.17 -10.88 -6.91
CA LEU A 168 -6.39 -11.42 -7.97
C LEU A 168 -6.57 -10.38 -9.02
N LEU A 169 -5.51 -10.14 -9.74
CA LEU A 169 -5.56 -9.21 -10.82
C LEU A 169 -6.22 -9.90 -12.00
N LYS A 170 -7.10 -9.20 -12.68
CA LYS A 170 -7.76 -9.71 -13.90
C LYS A 170 -7.98 -8.52 -14.77
N ASP A 171 -8.42 -8.76 -16.00
CA ASP A 171 -8.54 -7.71 -17.01
C ASP A 171 -9.94 -7.25 -17.23
N THR A 172 -10.85 -7.87 -16.51
CA THR A 172 -12.29 -7.53 -16.56
C THR A 172 -12.67 -6.64 -15.41
N VAL A 173 -13.90 -6.19 -15.42
CA VAL A 173 -14.31 -5.12 -14.57
C VAL A 173 -14.51 -5.63 -13.14
N TYR A 174 -14.33 -4.76 -12.14
CA TYR A 174 -14.48 -5.16 -10.73
C TYR A 174 -15.76 -4.42 -10.38
N THR A 175 -16.66 -5.08 -9.68
CA THR A 175 -17.89 -4.45 -9.24
C THR A 175 -18.03 -4.50 -7.75
N ASP A 176 -16.94 -4.81 -7.04
CA ASP A 176 -16.88 -4.76 -5.58
C ASP A 176 -15.69 -3.88 -5.18
N PHE A 177 -15.79 -3.14 -4.09
CA PHE A 177 -14.64 -2.36 -3.56
C PHE A 177 -14.70 -2.27 -2.06
N ASP A 178 -13.61 -2.57 -1.40
CA ASP A 178 -13.63 -2.56 0.04
C ASP A 178 -12.60 -1.65 0.61
N GLY A 179 -11.93 -0.86 -0.21
CA GLY A 179 -10.88 -0.01 0.27
C GLY A 179 -11.42 1.32 0.73
N THR A 180 -10.58 2.32 0.63
CA THR A 180 -10.89 3.59 1.21
C THR A 180 -11.52 4.49 0.23
N ARG A 181 -12.62 5.08 0.67
CA ARG A 181 -13.46 5.78 -0.23
C ARG A 181 -12.71 6.94 -0.92
N VAL A 182 -12.08 7.77 -0.11
CA VAL A 182 -11.44 9.04 -0.56
C VAL A 182 -10.30 8.81 -1.53
N TYR A 183 -9.93 7.53 -1.69
CA TYR A 183 -8.88 7.12 -2.61
C TYR A 183 -9.46 6.36 -3.82
N SER A 184 -10.78 6.25 -3.84
CA SER A 184 -11.46 5.48 -4.88
C SER A 184 -11.83 6.36 -6.08
N PRO A 185 -11.74 5.80 -7.25
CA PRO A 185 -11.87 6.59 -8.42
C PRO A 185 -13.27 6.98 -8.73
N PRO A 186 -13.43 7.97 -9.56
CA PRO A 186 -14.72 8.46 -9.88
C PRO A 186 -15.66 7.43 -10.53
N GLU A 187 -15.13 6.51 -11.31
CA GLU A 187 -15.94 5.49 -11.95
C GLU A 187 -16.53 4.55 -10.94
N TRP A 188 -15.86 4.36 -9.82
CA TRP A 188 -16.42 3.58 -8.75
C TRP A 188 -17.55 4.39 -8.08
N ILE A 189 -17.30 5.64 -7.77
CA ILE A 189 -18.32 6.48 -7.17
C ILE A 189 -19.57 6.53 -8.06
N ARG A 190 -19.42 6.79 -9.36
CA ARG A 190 -20.56 6.97 -10.26
C ARG A 190 -21.23 5.69 -10.78
N TYR A 191 -20.49 4.61 -11.02
CA TYR A 191 -21.02 3.43 -11.74
C TYR A 191 -20.85 2.13 -11.01
N HIS A 192 -20.13 2.16 -9.91
CA HIS A 192 -19.85 0.95 -9.18
C HIS A 192 -19.06 -0.08 -9.97
N ARG A 193 -18.25 0.39 -10.93
CA ARG A 193 -17.37 -0.45 -11.72
C ARG A 193 -15.98 0.16 -11.84
N TYR A 194 -14.93 -0.66 -11.93
CA TYR A 194 -13.62 -0.14 -12.31
C TYR A 194 -12.76 -1.25 -12.81
N HIS A 195 -11.66 -0.88 -13.45
CA HIS A 195 -10.60 -1.81 -13.77
C HIS A 195 -9.42 -1.58 -12.86
N GLY A 196 -8.63 -2.61 -12.68
CA GLY A 196 -7.58 -2.69 -11.60
C GLY A 196 -6.49 -1.65 -11.77
N ARG A 197 -5.81 -1.72 -12.90
CA ARG A 197 -4.69 -0.88 -13.20
C ARG A 197 -5.05 0.56 -13.13
N SER A 198 -6.15 0.91 -13.77
CA SER A 198 -6.44 2.29 -13.88
C SER A 198 -7.01 2.80 -12.54
N ALA A 199 -7.73 1.97 -11.81
CA ALA A 199 -8.13 2.36 -10.45
C ALA A 199 -6.89 2.55 -9.61
N ALA A 200 -5.90 1.69 -9.78
CA ALA A 200 -4.72 1.79 -8.92
C ALA A 200 -3.92 3.09 -9.22
N VAL A 201 -3.98 3.51 -10.46
CA VAL A 201 -3.29 4.70 -10.90
C VAL A 201 -3.93 5.89 -10.24
N TRP A 202 -5.23 5.93 -10.20
CA TRP A 202 -5.92 7.00 -9.52
C TRP A 202 -5.45 7.10 -8.06
N SER A 203 -5.46 5.99 -7.36
CA SER A 203 -5.08 5.98 -5.97
C SER A 203 -3.60 6.44 -5.83
N LEU A 204 -2.78 6.11 -6.81
CA LEU A 204 -1.43 6.60 -6.83
C LEU A 204 -1.40 8.10 -6.93
N GLY A 205 -2.29 8.67 -7.70
CA GLY A 205 -2.28 10.10 -7.88
C GLY A 205 -2.76 10.75 -6.58
N ILE A 206 -3.71 10.14 -5.89
CA ILE A 206 -4.14 10.65 -4.56
C ILE A 206 -2.96 10.58 -3.61
N LEU A 207 -2.23 9.48 -3.68
CA LEU A 207 -1.15 9.34 -2.75
C LEU A 207 -0.07 10.40 -2.99
N LEU A 208 0.26 10.67 -4.27
CA LEU A 208 1.32 11.60 -4.55
C LEU A 208 0.91 13.01 -4.08
N TYR A 209 -0.35 13.36 -4.20
CA TYR A 209 -0.83 14.66 -3.77
C TYR A 209 -0.67 14.66 -2.26
N ASP A 210 -1.01 13.57 -1.59
CA ASP A 210 -0.88 13.51 -0.19
C ASP A 210 0.60 13.76 0.29
N MET A 211 1.50 13.11 -0.36
CA MET A 211 2.89 13.29 -0.06
C MET A 211 3.31 14.72 -0.23
N VAL A 212 2.93 15.41 -1.30
CA VAL A 212 3.53 16.75 -1.52
C VAL A 212 2.68 17.90 -0.98
N CYS A 213 1.49 17.62 -0.53
CA CYS A 213 0.63 18.68 0.00
C CYS A 213 0.34 18.44 1.44
N GLY A 214 0.63 17.26 1.94
CA GLY A 214 0.45 17.00 3.36
C GLY A 214 -0.93 16.53 3.67
N ASP A 215 -1.79 16.41 2.67
CA ASP A 215 -3.17 15.97 2.84
C ASP A 215 -3.81 15.45 1.54
N ILE A 216 -4.87 14.66 1.65
CA ILE A 216 -5.60 14.19 0.50
C ILE A 216 -6.38 15.31 -0.19
N PRO A 217 -6.53 15.17 -1.50
CA PRO A 217 -7.11 16.31 -2.19
C PRO A 217 -8.61 16.38 -2.15
N PHE A 218 -9.28 15.24 -1.91
CA PHE A 218 -10.74 15.20 -2.07
C PHE A 218 -11.20 14.57 -0.81
N GLU A 219 -12.28 15.09 -0.31
CA GLU A 219 -12.90 14.58 0.89
C GLU A 219 -14.29 13.98 0.57
N HIS A 220 -15.11 14.67 -0.21
CA HIS A 220 -16.50 14.24 -0.53
C HIS A 220 -16.65 13.66 -1.93
N ASP A 221 -17.62 12.78 -2.08
CA ASP A 221 -18.01 12.21 -3.39
C ASP A 221 -18.03 13.24 -4.54
N GLU A 222 -18.59 14.41 -4.29
CA GLU A 222 -18.82 15.39 -5.37
C GLU A 222 -17.49 15.97 -5.90
N GLU A 223 -16.49 15.99 -5.05
CA GLU A 223 -15.17 16.52 -5.43
C GLU A 223 -14.43 15.46 -6.20
N ILE A 224 -14.49 14.21 -5.75
CA ILE A 224 -13.94 13.07 -6.51
C ILE A 224 -14.45 13.14 -7.94
N ILE A 225 -15.76 13.14 -8.06
CA ILE A 225 -16.40 13.16 -9.38
C ILE A 225 -16.03 14.39 -10.21
N ARG A 226 -15.90 15.53 -9.54
CA ARG A 226 -15.60 16.73 -10.26
C ARG A 226 -14.08 16.72 -10.67
N GLY A 227 -13.25 16.06 -9.84
CA GLY A 227 -11.83 15.85 -10.14
C GLY A 227 -11.01 17.10 -10.39
N GLN A 228 -11.31 18.22 -9.75
CA GLN A 228 -10.48 19.39 -9.95
C GLN A 228 -9.48 19.44 -8.81
N VAL A 229 -8.22 19.58 -9.12
CA VAL A 229 -7.22 19.51 -8.09
C VAL A 229 -6.77 20.90 -7.70
N PHE A 230 -6.84 21.27 -6.43
CA PHE A 230 -6.21 22.48 -5.95
C PHE A 230 -5.05 22.20 -5.07
N PHE A 231 -4.04 23.03 -5.26
CA PHE A 231 -2.81 22.92 -4.50
C PHE A 231 -2.76 24.02 -3.48
N ARG A 232 -2.53 23.63 -2.28
CA ARG A 232 -2.62 24.51 -1.13
C ARG A 232 -1.17 24.81 -0.75
N GLN A 233 -0.26 24.00 -1.28
CA GLN A 233 1.16 24.13 -1.03
C GLN A 233 1.92 24.33 -2.36
N ARG A 234 3.12 24.89 -2.33
CA ARG A 234 3.88 25.06 -3.53
C ARG A 234 4.39 23.71 -4.07
N VAL A 235 4.16 23.42 -5.33
CA VAL A 235 4.51 22.14 -6.01
C VAL A 235 4.93 22.50 -7.41
N SER A 236 6.04 21.93 -7.89
CA SER A 236 6.54 22.23 -9.23
C SER A 236 5.51 21.87 -10.28
N SEP A 237 5.54 22.60 -11.39
CA SEP A 237 4.62 22.36 -12.50
CB SEP A 237 4.99 23.23 -13.68
OG SEP A 237 4.95 24.61 -13.28
C SEP A 237 4.68 20.92 -12.90
O SEP A 237 3.64 20.31 -13.23
P SEP A 237 6.32 25.41 -13.00
O1P SEP A 237 5.85 26.76 -12.50
O2P SEP A 237 7.00 25.46 -14.35
O3P SEP A 237 7.03 24.58 -11.97
N GLU A 238 5.88 20.34 -12.88
CA GLU A 238 6.07 18.95 -13.25
C GLU A 238 5.27 18.03 -12.34
N CYS A 239 5.43 18.22 -11.03
CA CYS A 239 4.71 17.41 -10.05
C CYS A 239 3.20 17.53 -10.23
N GLN A 240 2.74 18.76 -10.45
CA GLN A 240 1.29 19.02 -10.65
C GLN A 240 0.76 18.31 -11.87
N HIS A 241 1.53 18.30 -12.93
CA HIS A 241 1.06 17.71 -14.18
C HIS A 241 0.95 16.16 -14.03
N LEU A 242 1.93 15.51 -13.40
CA LEU A 242 1.85 14.04 -13.16
C LEU A 242 0.65 13.71 -12.31
N ILE A 243 0.35 14.57 -11.36
CA ILE A 243 -0.71 14.30 -10.47
C ILE A 243 -2.07 14.40 -11.21
N ARG A 244 -2.25 15.44 -12.01
CA ARG A 244 -3.48 15.65 -12.71
C ARG A 244 -3.62 14.58 -13.76
N TRP A 245 -2.50 14.08 -14.23
CA TRP A 245 -2.57 13.02 -15.18
C TRP A 245 -3.13 11.75 -14.55
N CYS A 246 -2.59 11.34 -13.39
CA CYS A 246 -3.09 10.15 -12.66
C CYS A 246 -4.50 10.31 -12.19
N LEU A 247 -4.87 11.53 -11.94
CA LEU A 247 -6.22 11.78 -11.48
C LEU A 247 -7.14 12.23 -12.64
N ALA A 248 -6.82 11.95 -13.89
CA ALA A 248 -7.80 12.09 -14.98
C ALA A 248 -9.09 11.30 -14.73
N LEU A 249 -10.24 11.94 -15.02
CA LEU A 249 -11.58 11.40 -14.80
C LEU A 249 -11.87 10.16 -15.63
N ARG A 250 -11.48 10.20 -16.89
CA ARG A 250 -11.58 9.03 -17.77
C ARG A 250 -10.41 8.12 -17.49
N PRO A 251 -10.68 6.89 -17.07
CA PRO A 251 -9.66 5.88 -16.81
C PRO A 251 -8.62 5.76 -17.92
N SER A 252 -9.09 5.74 -19.15
CA SER A 252 -8.22 5.59 -20.35
C SER A 252 -7.29 6.81 -20.57
N ASP A 253 -7.61 7.96 -19.97
CA ASP A 253 -6.70 9.13 -19.98
C ASP A 253 -5.58 9.12 -18.91
N ARG A 254 -5.60 8.13 -18.01
CA ARG A 254 -4.54 7.93 -17.03
C ARG A 254 -3.32 7.29 -17.64
N PRO A 255 -2.16 7.57 -17.07
CA PRO A 255 -0.95 6.95 -17.51
C PRO A 255 -0.88 5.55 -17.04
N THR A 256 -0.13 4.73 -17.76
CA THR A 256 0.25 3.40 -17.30
C THR A 256 1.44 3.52 -16.32
N PHE A 257 1.88 2.43 -15.70
CA PHE A 257 2.93 2.51 -14.73
C PHE A 257 4.15 3.00 -15.41
N GLU A 258 4.35 2.48 -16.60
CA GLU A 258 5.51 2.80 -17.38
C GLU A 258 5.59 4.29 -17.67
N GLU A 259 4.48 4.84 -18.09
CA GLU A 259 4.45 6.26 -18.37
C GLU A 259 4.63 7.12 -17.13
N ILE A 260 4.16 6.64 -15.95
CA ILE A 260 4.35 7.36 -14.70
C ILE A 260 5.88 7.37 -14.42
N GLN A 261 6.53 6.21 -14.59
CA GLN A 261 7.99 6.15 -14.35
C GLN A 261 8.87 6.80 -15.39
N ASN A 262 8.35 7.06 -16.58
CA ASN A 262 9.13 7.86 -17.54
C ASN A 262 8.76 9.31 -17.52
N HIS A 263 7.83 9.70 -16.67
CA HIS A 263 7.49 11.13 -16.64
C HIS A 263 8.72 11.96 -16.17
N PRO A 264 8.91 13.18 -16.68
CA PRO A 264 10.02 14.06 -16.27
C PRO A 264 10.17 14.30 -14.78
N TRP A 265 9.08 14.40 -14.03
CA TRP A 265 9.16 14.56 -12.56
C TRP A 265 9.80 13.34 -11.92
N MET A 266 9.70 12.16 -12.56
CA MET A 266 10.29 10.93 -12.01
C MET A 266 11.75 10.68 -12.35
N GLN A 267 12.44 11.64 -12.96
CA GLN A 267 13.88 11.46 -13.32
C GLN A 267 14.82 11.67 -12.14
N ASP A 268 15.90 10.90 -12.10
CA ASP A 268 16.98 11.10 -11.11
C ASP A 268 16.57 10.83 -9.73
N VAL A 269 15.70 9.86 -9.54
CA VAL A 269 15.42 9.41 -8.24
C VAL A 269 16.67 9.00 -7.45
N LEU A 270 16.59 9.21 -6.14
CA LEU A 270 17.60 8.78 -5.21
C LEU A 270 17.34 7.33 -4.83
N LEU A 271 18.43 6.62 -4.58
CA LEU A 271 18.39 5.27 -4.03
C LEU A 271 17.90 5.40 -2.61
N PRO A 272 17.37 4.32 -2.06
CA PRO A 272 16.80 4.35 -0.73
C PRO A 272 17.78 4.77 0.30
N GLN A 273 18.97 4.22 0.22
CA GLN A 273 20.02 4.51 1.23
C GLN A 273 20.36 6.00 1.29
N GLU A 274 20.54 6.61 0.12
CA GLU A 274 20.86 8.04 0.07
C GLU A 274 19.72 8.88 0.52
N THR A 275 18.52 8.34 0.37
CA THR A 275 17.34 9.05 0.77
C THR A 275 17.28 9.14 2.28
N ALA A 276 17.58 8.03 2.94
CA ALA A 276 17.60 8.04 4.38
C ALA A 276 18.75 8.93 4.95
N GLU A 277 19.91 8.97 4.31
CA GLU A 277 21.01 9.80 4.89
C GLU A 277 20.59 11.26 4.93
N ILE A 278 20.17 11.73 3.75
CA ILE A 278 19.63 13.07 3.55
C ILE A 278 18.39 13.40 4.34
N HIS A 279 17.43 12.48 4.44
CA HIS A 279 16.11 12.90 4.86
C HIS A 279 15.63 12.22 6.07
N LEU A 280 16.19 11.10 6.45
CA LEU A 280 15.62 10.41 7.62
C LEU A 280 16.59 10.32 8.83
N HIS A 281 17.92 10.37 8.63
CA HIS A 281 18.91 10.77 9.69
C HIS A 281 19.62 12.08 9.34
OAC 3OA B . 4.19 6.48 13.67
CAK 3OA B . 4.41 5.41 12.73
CAM 3OA B . 3.55 4.20 12.99
O1 3OA B . 4.33 3.37 13.86
CAO 3OA B . 5.06 2.33 13.25
CAQ 3OA B . 4.83 1.09 14.08
NAU 3OA B . 4.36 0.06 13.14
CAY 3OA B . 3.07 -0.14 12.73
CAI 3OA B . 1.99 0.72 13.03
CAJ 3OA B . 0.68 0.40 12.60
CBE 3OA B . 2.83 -1.32 12.00
CBA 3OA B . 3.90 -2.22 11.67
OAA 3OA B . 5.20 -1.94 12.11
CBC 3OA B . 3.70 -3.39 10.94
CAW 3OA B . 4.72 -4.24 10.58
OAE 3OA B . 6.00 -3.97 10.97
CAG 3OA B . 4.48 -5.36 9.82
CAH 3OA B . 3.19 -5.60 9.40
CAX 3OA B . 2.19 -4.74 9.73
OAF 3OA B . 0.90 -4.89 9.35
CBD 3OA B . 2.43 -3.64 10.52
CBB 3OA B . 1.36 -2.80 10.83
OAB 3OA B . 0.08 -3.14 10.33
CBF 3OA B . 1.52 -1.63 11.55
CAZ 3OA B . 0.43 -0.77 11.83
NAV 3OA B . -0.79 -1.13 11.33
CAR 3OA B . -1.99 -0.25 11.12
CAP 3OA B . -1.85 1.30 10.81
O2 3OA B . -2.89 2.12 11.50
CAN 3OA B . -3.37 1.72 12.85
CAL 3OA B . -3.97 2.88 13.65
OAD 3OA B . -3.81 2.44 15.03
#